data_4OB5
#
_entry.id   4OB5
#
_cell.length_a   35.535
_cell.length_b   48.947
_cell.length_c   117.272
_cell.angle_alpha   90.00
_cell.angle_beta   90.00
_cell.angle_gamma   90.00
#
_symmetry.space_group_name_H-M   'P 21 21 21'
#
loop_
_entity.id
_entity.type
_entity.pdbx_description
1 polymer '4E10 antibody germline precursor 7 heavy chain Fv'
2 polymer '4E10 antibody germline precursor 7 light chain Fv'
3 non-polymer GLYCEROL
4 non-polymer 'trimethylamine oxide'
5 water water
#
loop_
_entity_poly.entity_id
_entity_poly.type
_entity_poly.pdbx_seq_one_letter_code
_entity_poly.pdbx_strand_id
1 'polypeptide(L)'
;QVQLVQSGAEVKKPGSSVKVSCKASGGTFSSYAISWVRQAPGQGLEWMGGIIPIFGTANYAQKFQGRVTITADKSTSTAY
MELSSLRSEDTAVYYCAREGTTGWGWLGKPIGAFQHWGQGTLVTVSS
;
H
2 'polypeptide(L)'
;MEIVLTQSPGTLSLSPGERATLSCRASQSVSSSYLAWYQQKPGQAPRLLIYGASSRATGIPDRFSGSGSGTDFTLTISRL
EPEDFAVYYCQQYGSSPSTFGQGTKVEIKRLVPR
;
L
#
# COMPACT_ATOMS: atom_id res chain seq x y z
N VAL A 2 0.09 -13.79 12.04
CA VAL A 2 0.94 -12.87 11.20
C VAL A 2 0.94 -11.41 11.66
N GLN A 3 2.02 -11.00 12.32
CA GLN A 3 2.19 -9.61 12.74
C GLN A 3 3.52 -9.06 12.26
N LEU A 4 3.50 -7.83 11.73
CA LEU A 4 4.71 -7.11 11.33
C LEU A 4 4.90 -5.93 12.28
N VAL A 5 6.05 -5.88 12.95
CA VAL A 5 6.32 -4.86 13.95
C VAL A 5 7.58 -4.11 13.56
N GLN A 6 7.44 -2.81 13.36
CA GLN A 6 8.56 -2.02 12.85
C GLN A 6 9.32 -1.26 13.92
N SER A 7 10.50 -0.77 13.56
CA SER A 7 11.30 0.07 14.45
C SER A 7 10.68 1.46 14.62
N GLY A 8 11.19 2.22 15.60
CA GLY A 8 10.54 3.46 16.01
C GLY A 8 10.88 4.64 15.12
N ALA A 9 10.17 5.75 15.34
CA ALA A 9 10.39 6.98 14.54
C ALA A 9 11.84 7.45 14.64
N GLU A 10 12.30 8.09 13.57
CA GLU A 10 13.64 8.64 13.45
C GLU A 10 13.53 10.06 12.88
N VAL A 11 14.35 10.96 13.40
CA VAL A 11 14.55 12.28 12.81
C VAL A 11 16.00 12.32 12.33
N LYS A 12 16.19 12.65 11.07
CA LYS A 12 17.50 12.50 10.41
C LYS A 12 17.93 13.79 9.81
N LYS A 13 19.26 13.97 9.70
CA LYS A 13 19.84 15.18 9.07
C LYS A 13 19.88 15.03 7.53
N PRO A 14 19.76 16.14 6.78
CA PRO A 14 19.78 15.92 5.32
C PRO A 14 21.12 15.39 4.86
N GLY A 15 21.10 14.38 4.00
CA GLY A 15 22.31 13.77 3.47
C GLY A 15 22.74 12.55 4.26
N SER A 16 22.09 12.29 5.38
CA SER A 16 22.43 11.09 6.16
C SER A 16 21.67 9.88 5.61
N SER A 17 21.82 8.73 6.26
CA SER A 17 21.08 7.50 5.89
C SER A 17 20.27 6.98 7.05
N VAL A 18 19.19 6.25 6.78
CA VAL A 18 18.34 5.73 7.82
C VAL A 18 18.16 4.25 7.50
N LYS A 19 18.04 3.42 8.54
CA LYS A 19 17.73 1.99 8.33
C LYS A 19 16.58 1.63 9.24
N VAL A 20 15.52 1.13 8.63
CA VAL A 20 14.30 0.78 9.34
C VAL A 20 14.16 -0.74 9.33
N SER A 21 13.63 -1.31 10.41
CA SER A 21 13.46 -2.76 10.47
C SER A 21 12.00 -3.16 10.60
N CYS A 22 11.74 -4.40 10.23
N CYS A 22 11.71 -4.42 10.21
CA CYS A 22 10.42 -4.94 10.29
CA CYS A 22 10.34 -4.98 10.09
C CYS A 22 10.58 -6.37 10.71
C CYS A 22 10.35 -6.45 10.57
N LYS A 23 9.99 -6.70 11.84
CA LYS A 23 10.04 -8.08 12.40
C LYS A 23 8.70 -8.79 12.17
N ALA A 24 8.75 -9.95 11.52
CA ALA A 24 7.54 -10.74 11.25
C ALA A 24 7.30 -11.79 12.33
N SER A 25 6.03 -12.03 12.67
CA SER A 25 5.69 -12.97 13.74
C SER A 25 4.41 -13.72 13.43
N THR A 28 5.00 -18.49 7.70
CA THR A 28 6.39 -18.65 7.33
C THR A 28 7.01 -17.32 6.89
N PHE A 29 8.31 -17.17 7.10
CA PHE A 29 9.00 -15.90 6.83
C PHE A 29 9.80 -15.94 5.52
N SER A 30 10.54 -17.03 5.32
CA SER A 30 11.45 -17.16 4.18
C SER A 30 10.76 -17.22 2.81
N SER A 31 9.49 -17.62 2.78
CA SER A 31 8.84 -17.99 1.52
C SER A 31 7.96 -16.90 0.87
N TYR A 32 7.69 -15.81 1.58
CA TYR A 32 6.79 -14.79 1.04
C TYR A 32 7.45 -13.42 0.86
N ALA A 33 6.92 -12.67 -0.11
CA ALA A 33 7.46 -11.38 -0.52
C ALA A 33 7.15 -10.33 0.53
N ILE A 34 8.19 -9.64 0.99
CA ILE A 34 8.04 -8.50 1.90
C ILE A 34 8.41 -7.24 1.12
N SER A 35 7.53 -6.25 1.11
CA SER A 35 7.81 -5.01 0.38
C SER A 35 7.92 -3.85 1.32
N TRP A 36 8.55 -2.78 0.84
CA TRP A 36 8.54 -1.49 1.55
C TRP A 36 7.78 -0.46 0.75
N VAL A 37 6.90 0.28 1.43
CA VAL A 37 5.98 1.28 0.81
C VAL A 37 6.01 2.54 1.67
N ARG A 38 6.19 3.72 1.08
CA ARG A 38 6.21 4.91 1.92
C ARG A 38 5.06 5.85 1.61
N GLN A 39 4.90 6.86 2.48
N GLN A 39 4.65 6.59 2.61
CA GLN A 39 3.77 7.84 2.46
CA GLN A 39 3.56 7.52 2.43
C GLN A 39 4.13 9.15 3.17
C GLN A 39 4.15 8.86 2.71
N ALA A 40 4.19 10.26 2.39
N ALA A 40 4.62 9.53 1.66
CA ALA A 40 4.57 11.63 2.84
CA ALA A 40 5.07 10.89 1.84
C ALA A 40 3.42 12.45 3.45
C ALA A 40 3.89 11.77 1.45
N PRO A 41 3.72 13.62 4.09
N PRO A 41 3.94 13.06 1.84
CA PRO A 41 2.62 14.39 4.72
CA PRO A 41 2.86 14.03 1.59
C PRO A 41 1.58 14.84 3.73
C PRO A 41 2.47 14.29 0.14
N GLY A 42 0.32 14.53 4.05
N GLY A 42 1.18 14.19 -0.11
CA GLY A 42 -0.83 14.95 3.25
CA GLY A 42 0.64 14.37 -1.45
C GLY A 42 -0.98 14.19 1.94
C GLY A 42 1.38 13.56 -2.48
N GLN A 43 -0.15 13.17 1.73
N GLN A 43 1.84 12.37 -2.07
CA GLN A 43 -0.05 12.50 0.43
CA GLN A 43 2.41 11.45 -3.02
C GLN A 43 -0.29 10.97 0.47
C GLN A 43 1.77 10.09 -2.79
N GLY A 44 -0.11 10.32 -0.68
N GLY A 44 0.62 10.12 -2.14
CA GLY A 44 -0.50 8.90 -0.88
CA GLY A 44 -0.13 8.92 -1.76
C GLY A 44 0.62 7.85 -0.72
C GLY A 44 0.82 7.90 -1.17
N LEU A 45 0.41 6.64 -1.24
CA LEU A 45 1.34 5.52 -0.94
C LEU A 45 2.23 5.35 -2.13
N GLU A 46 3.49 4.92 -1.91
CA GLU A 46 4.53 4.75 -2.93
C GLU A 46 5.46 3.51 -2.76
N TRP A 47 5.49 2.61 -3.74
CA TRP A 47 6.21 1.33 -3.60
C TRP A 47 7.72 1.42 -3.81
N MET A 48 8.54 0.97 -2.85
CA MET A 48 9.99 1.14 -2.98
C MET A 48 10.78 -0.06 -3.48
N GLY A 49 10.33 -1.25 -3.11
CA GLY A 49 11.04 -2.45 -3.42
C GLY A 49 10.53 -3.61 -2.61
N GLY A 50 11.05 -4.80 -2.89
CA GLY A 50 10.63 -6.00 -2.16
C GLY A 50 11.68 -7.08 -2.13
N ILE A 51 11.51 -8.03 -1.21
CA ILE A 51 12.46 -9.13 -1.04
C ILE A 51 11.77 -10.45 -0.64
N ILE A 52 12.13 -11.54 -1.32
CA ILE A 52 11.75 -12.86 -0.84
C ILE A 52 12.97 -13.37 -0.06
N PRO A 53 12.83 -13.51 1.27
CA PRO A 53 14.07 -13.75 2.07
C PRO A 53 14.82 -15.03 1.72
N ILE A 54 14.11 -16.09 1.34
CA ILE A 54 14.74 -17.35 0.91
C ILE A 54 15.73 -17.15 -0.23
N PHE A 55 15.43 -16.25 -1.16
CA PHE A 55 16.32 -15.96 -2.29
C PHE A 55 17.39 -14.93 -1.92
N GLY A 56 17.09 -14.09 -0.94
CA GLY A 56 18.09 -13.19 -0.35
C GLY A 56 18.47 -11.94 -1.15
N THR A 57 17.87 -11.78 -2.32
CA THR A 57 18.11 -10.62 -3.17
C THR A 57 16.84 -9.79 -3.31
N ALA A 58 17.00 -8.49 -3.55
CA ALA A 58 15.85 -7.60 -3.62
C ALA A 58 15.57 -7.11 -5.05
N ASN A 59 14.35 -6.63 -5.24
CA ASN A 59 13.90 -5.96 -6.46
C ASN A 59 13.50 -4.53 -6.06
N TYR A 60 14.03 -3.53 -6.75
CA TYR A 60 13.76 -2.12 -6.42
C TYR A 60 12.99 -1.40 -7.51
N ALA A 61 12.22 -0.38 -7.13
CA ALA A 61 11.74 0.62 -8.08
C ALA A 61 12.95 1.45 -8.56
N GLN A 62 13.01 1.71 -9.86
CA GLN A 62 14.13 2.47 -10.42
C GLN A 62 14.33 3.86 -9.76
N LYS A 63 13.24 4.47 -9.29
CA LYS A 63 13.20 5.73 -8.55
C LYS A 63 14.17 5.80 -7.37
N PHE A 64 14.41 4.65 -6.73
CA PHE A 64 15.22 4.56 -5.53
C PHE A 64 16.52 3.76 -5.73
N GLN A 65 16.63 3.10 -6.89
CA GLN A 65 17.87 2.40 -7.24
C GLN A 65 19.10 3.29 -6.98
N GLY A 66 20.10 2.71 -6.34
CA GLY A 66 21.35 3.40 -6.08
C GLY A 66 21.36 4.01 -4.70
N ARG A 67 20.19 4.11 -4.07
CA ARG A 67 20.19 4.61 -2.68
C ARG A 67 19.26 3.91 -1.69
N VAL A 68 18.52 2.89 -2.13
CA VAL A 68 17.79 2.02 -1.19
C VAL A 68 18.41 0.63 -1.11
N THR A 69 18.56 0.09 0.09
CA THR A 69 19.04 -1.27 0.21
C THR A 69 18.02 -2.03 1.00
N ILE A 70 17.54 -3.14 0.45
CA ILE A 70 16.57 -3.98 1.18
C ILE A 70 17.22 -5.33 1.47
N THR A 71 17.24 -5.69 2.75
CA THR A 71 17.84 -6.94 3.21
C THR A 71 16.88 -7.72 4.10
N ALA A 72 17.24 -8.97 4.38
CA ALA A 72 16.43 -9.81 5.26
C ALA A 72 17.31 -10.74 6.13
N ASP A 73 16.77 -11.12 7.28
CA ASP A 73 17.48 -12.03 8.18
C ASP A 73 16.55 -13.14 8.64
N LYS A 74 16.86 -14.37 8.22
CA LYS A 74 16.01 -15.54 8.47
C LYS A 74 15.88 -15.94 9.95
N SER A 75 16.97 -15.87 10.71
CA SER A 75 16.97 -16.28 12.13
C SER A 75 16.12 -15.39 13.02
N THR A 76 16.10 -14.09 12.68
CA THR A 76 15.40 -13.11 13.46
C THR A 76 14.02 -12.79 12.84
N SER A 77 13.73 -13.38 11.67
CA SER A 77 12.53 -13.06 10.90
C SER A 77 12.37 -11.53 10.72
N THR A 78 13.44 -10.88 10.26
CA THR A 78 13.48 -9.39 10.15
C THR A 78 13.90 -8.93 8.75
N ALA A 79 13.17 -7.96 8.22
CA ALA A 79 13.46 -7.32 6.94
C ALA A 79 13.94 -5.92 7.24
N TYR A 80 14.75 -5.36 6.38
CA TYR A 80 15.36 -4.05 6.65
C TYR A 80 15.30 -3.21 5.40
N MET A 81 15.14 -1.90 5.53
CA MET A 81 15.24 -1.01 4.39
C MET A 81 16.18 0.11 4.83
N GLU A 82 17.24 0.34 4.06
CA GLU A 82 18.15 1.45 4.31
C GLU A 82 18.05 2.45 3.15
N LEU A 83 17.88 3.73 3.46
CA LEU A 83 17.72 4.76 2.44
C LEU A 83 18.76 5.84 2.69
N SER A 84 19.54 6.15 1.67
CA SER A 84 20.66 7.05 1.88
C SER A 84 20.47 8.40 1.22
N SER A 85 21.39 9.33 1.50
CA SER A 85 21.34 10.68 0.98
C SER A 85 19.98 11.33 1.18
N LEU A 86 19.52 11.32 2.42
CA LEU A 86 18.19 11.82 2.71
C LEU A 86 17.97 13.28 2.30
N ARG A 87 16.77 13.54 1.76
CA ARG A 87 16.36 14.86 1.41
C ARG A 87 15.01 15.14 2.11
N SER A 88 14.63 16.42 2.22
CA SER A 88 13.35 16.77 2.86
C SER A 88 12.17 16.01 2.25
N GLU A 89 12.21 15.76 0.93
CA GLU A 89 11.16 15.00 0.26
C GLU A 89 11.02 13.52 0.68
N ASP A 90 12.00 12.99 1.47
CA ASP A 90 11.98 11.62 1.95
C ASP A 90 11.26 11.53 3.31
N THR A 91 10.82 12.67 3.84
CA THR A 91 10.04 12.66 5.08
C THR A 91 8.72 11.93 4.80
N ALA A 92 8.45 10.85 5.54
CA ALA A 92 7.34 9.97 5.20
C ALA A 92 7.17 8.92 6.27
N VAL A 93 6.00 8.27 6.28
CA VAL A 93 5.87 7.01 7.00
C VAL A 93 6.26 5.86 6.08
N TYR A 94 7.17 5.02 6.55
CA TYR A 94 7.67 3.93 5.74
C TYR A 94 7.01 2.69 6.30
N TYR A 95 6.34 1.93 5.44
CA TYR A 95 5.68 0.69 5.87
C TYR A 95 6.34 -0.53 5.28
N CYS A 96 6.45 -1.61 6.08
N CYS A 96 6.34 -1.58 6.09
CA CYS A 96 6.76 -2.93 5.50
CA CYS A 96 6.62 -2.88 5.60
C CYS A 96 5.40 -3.67 5.35
C CYS A 96 5.27 -3.52 5.24
N ALA A 97 5.25 -4.38 4.23
CA ALA A 97 4.01 -5.10 3.90
C ALA A 97 4.31 -6.49 3.37
N ARG A 98 3.42 -7.43 3.68
CA ARG A 98 3.59 -8.79 3.19
C ARG A 98 2.36 -9.21 2.42
N GLU A 99 2.55 -9.92 1.31
CA GLU A 99 1.42 -10.33 0.52
C GLU A 99 0.52 -11.30 1.28
N GLY A 100 -0.77 -11.33 0.94
CA GLY A 100 -1.70 -12.27 1.55
C GLY A 100 -1.58 -13.63 0.89
N THR A 101 -2.15 -14.65 1.54
CA THR A 101 -2.27 -15.97 0.97
C THR A 101 -3.68 -16.42 1.23
N THR A 102 -4.17 -17.36 0.43
CA THR A 102 -5.50 -17.88 0.66
C THR A 102 -5.55 -18.79 1.90
N GLY A 103 -4.40 -19.11 2.48
CA GLY A 103 -4.35 -20.11 3.55
C GLY A 103 -4.03 -19.55 4.92
N GLY A 105 -1.53 -21.75 6.09
CA GLY A 105 -0.31 -22.52 5.93
C GLY A 105 0.12 -22.66 4.49
N TRP A 106 0.65 -23.83 4.13
CA TRP A 106 1.10 -24.13 2.76
C TRP A 106 -0.02 -24.53 1.82
N LEU A 107 -1.22 -24.68 2.36
CA LEU A 107 -2.39 -24.88 1.53
C LEU A 107 -2.80 -23.57 0.85
N GLY A 108 -2.23 -22.45 1.29
CA GLY A 108 -2.55 -21.14 0.73
C GLY A 108 -1.72 -20.76 -0.48
N LYS A 109 -2.40 -20.26 -1.51
CA LYS A 109 -1.73 -19.67 -2.66
C LYS A 109 -1.49 -18.18 -2.34
N PRO A 110 -0.29 -17.66 -2.65
CA PRO A 110 -0.05 -16.21 -2.48
C PRO A 110 -0.90 -15.42 -3.46
N ILE A 111 -1.36 -14.23 -3.03
CA ILE A 111 -2.28 -13.47 -3.88
C ILE A 111 -1.76 -12.08 -4.29
N GLY A 112 -0.53 -11.78 -3.94
CA GLY A 112 0.16 -10.61 -4.46
C GLY A 112 -0.16 -9.32 -3.70
N ALA A 113 -1.46 -9.03 -3.55
CA ALA A 113 -1.88 -7.85 -2.79
C ALA A 113 -1.44 -7.92 -1.35
N PHE A 114 -1.28 -6.75 -0.75
CA PHE A 114 -0.72 -6.63 0.62
C PHE A 114 -1.79 -6.80 1.68
N GLN A 115 -1.94 -8.03 2.16
CA GLN A 115 -2.81 -8.30 3.29
C GLN A 115 -2.26 -7.79 4.62
N HIS A 116 -0.94 -7.86 4.81
CA HIS A 116 -0.41 -7.57 6.15
C HIS A 116 0.50 -6.40 6.10
N TRP A 117 0.32 -5.49 7.06
CA TRP A 117 1.13 -4.24 7.09
C TRP A 117 1.71 -4.04 8.45
N GLY A 118 2.94 -3.52 8.51
CA GLY A 118 3.49 -3.04 9.79
C GLY A 118 2.78 -1.77 10.19
N GLN A 119 3.13 -1.27 11.38
CA GLN A 119 2.46 -0.09 11.93
C GLN A 119 3.01 1.19 11.33
N GLY A 120 4.07 1.05 10.53
CA GLY A 120 4.79 2.17 9.92
C GLY A 120 5.85 2.77 10.82
N THR A 121 6.82 3.42 10.18
CA THR A 121 7.90 4.11 10.86
C THR A 121 7.97 5.50 10.25
N LEU A 122 7.72 6.53 11.07
CA LEU A 122 7.89 7.92 10.61
C LEU A 122 9.37 8.26 10.56
N VAL A 123 9.87 8.66 9.39
CA VAL A 123 11.21 9.21 9.22
C VAL A 123 11.04 10.66 8.82
N THR A 124 11.56 11.58 9.66
CA THR A 124 11.50 13.02 9.38
C THR A 124 12.91 13.49 9.07
N VAL A 125 13.06 14.24 7.99
CA VAL A 125 14.39 14.77 7.60
C VAL A 125 14.32 16.24 7.90
N SER A 126 15.22 16.70 8.78
CA SER A 126 15.27 18.13 9.17
C SER A 126 15.60 19.06 7.99
N MET B 1 8.43 0.62 -18.29
CA MET B 1 7.76 1.93 -17.98
C MET B 1 6.67 1.68 -16.94
N GLU B 2 6.71 2.39 -15.82
CA GLU B 2 5.74 2.02 -14.77
C GLU B 2 4.32 2.42 -15.22
N ILE B 3 3.34 1.64 -14.78
CA ILE B 3 1.92 1.90 -15.02
C ILE B 3 1.48 2.95 -14.04
N VAL B 4 0.95 4.06 -14.53
CA VAL B 4 0.50 5.11 -13.62
C VAL B 4 -1.00 4.92 -13.39
N LEU B 5 -1.43 4.97 -12.12
CA LEU B 5 -2.83 4.86 -11.74
C LEU B 5 -3.34 6.21 -11.25
N THR B 6 -4.44 6.68 -11.83
CA THR B 6 -5.02 7.95 -11.44
C THR B 6 -6.46 7.74 -10.94
N GLN B 7 -6.70 8.15 -9.71
CA GLN B 7 -8.02 8.00 -9.10
C GLN B 7 -8.88 9.23 -9.30
N SER B 8 -10.19 9.04 -9.35
CA SER B 8 -11.10 10.19 -9.29
C SER B 8 -12.36 9.78 -8.53
N PRO B 9 -13.00 10.73 -7.84
CA PRO B 9 -12.52 12.10 -7.65
C PRO B 9 -11.42 12.19 -6.61
N GLY B 10 -10.87 13.38 -6.42
CA GLY B 10 -9.88 13.57 -5.36
C GLY B 10 -10.59 13.42 -4.01
N THR B 11 -11.77 14.00 -3.92
CA THR B 11 -12.61 13.95 -2.70
C THR B 11 -14.04 13.64 -3.11
N LEU B 12 -14.70 12.75 -2.35
CA LEU B 12 -16.08 12.43 -2.56
C LEU B 12 -16.75 12.79 -1.26
N SER B 13 -17.70 13.75 -1.29
CA SER B 13 -18.49 14.14 -0.10
C SER B 13 -19.87 13.56 -0.19
N LEU B 14 -20.19 12.70 0.77
CA LEU B 14 -21.48 11.97 0.79
C LEU B 14 -22.02 11.86 2.20
N SER B 15 -23.30 11.49 2.28
CA SER B 15 -23.96 11.21 3.53
C SER B 15 -23.99 9.72 3.81
N PRO B 16 -24.00 9.34 5.09
CA PRO B 16 -24.25 7.94 5.45
C PRO B 16 -25.48 7.42 4.71
N GLY B 17 -25.38 6.19 4.22
CA GLY B 17 -26.44 5.55 3.47
C GLY B 17 -26.34 5.69 1.97
N GLU B 18 -25.53 6.63 1.48
CA GLU B 18 -25.44 6.87 0.05
C GLU B 18 -24.48 5.89 -0.59
N ARG B 19 -24.65 5.68 -1.89
CA ARG B 19 -23.71 4.82 -2.64
C ARG B 19 -22.43 5.59 -3.00
N ALA B 20 -21.27 4.98 -2.78
CA ALA B 20 -19.99 5.58 -3.15
C ALA B 20 -19.37 4.81 -4.30
N THR B 21 -19.05 5.53 -5.38
N THR B 21 -19.07 5.49 -5.41
CA THR B 21 -18.41 4.89 -6.50
CA THR B 21 -18.43 4.78 -6.52
C THR B 21 -17.09 5.59 -6.67
C THR B 21 -17.12 5.45 -6.94
N LEU B 22 -16.00 4.82 -6.58
CA LEU B 22 -14.64 5.39 -6.74
C LEU B 22 -13.97 4.81 -7.99
N SER B 23 -13.32 5.65 -8.79
CA SER B 23 -12.69 5.17 -10.05
C SER B 23 -11.19 5.14 -9.97
N CYS B 24 -10.59 4.20 -10.74
CA CYS B 24 -9.11 4.05 -10.84
C CYS B 24 -8.82 3.85 -12.33
N ARG B 25 -8.06 4.74 -12.96
CA ARG B 25 -7.75 4.61 -14.39
C ARG B 25 -6.26 4.34 -14.52
N ALA B 26 -5.90 3.32 -15.29
CA ALA B 26 -4.49 2.99 -15.49
C ALA B 26 -4.07 3.50 -16.84
N SER B 27 -2.80 3.92 -16.87
CA SER B 27 -2.19 4.33 -18.13
C SER B 27 -1.97 3.24 -19.19
N GLN B 28 -2.01 1.99 -18.76
CA GLN B 28 -1.73 0.80 -19.59
C GLN B 28 -2.57 -0.32 -18.97
N SER B 29 -3.00 -1.24 -19.82
CA SER B 29 -3.85 -2.36 -19.34
C SER B 29 -3.17 -3.10 -18.19
N VAL B 30 -3.94 -3.44 -17.15
CA VAL B 30 -3.35 -4.06 -15.98
C VAL B 30 -3.33 -5.57 -16.14
N SER B 31 -2.13 -6.15 -16.09
CA SER B 31 -1.95 -7.58 -16.37
C SER B 31 -2.76 -8.46 -15.43
N SER B 32 -3.59 -9.32 -16.00
CA SER B 32 -4.38 -10.31 -15.26
C SER B 32 -5.39 -9.71 -14.26
N SER B 33 -5.79 -8.46 -14.47
CA SER B 33 -6.63 -7.77 -13.49
C SER B 33 -6.05 -7.84 -12.07
N TYR B 34 -4.71 -7.89 -11.95
CA TYR B 34 -4.01 -7.81 -10.65
C TYR B 34 -4.08 -6.39 -10.08
N LEU B 35 -5.27 -6.06 -9.61
CA LEU B 35 -5.62 -4.75 -9.11
C LEU B 35 -6.22 -4.90 -7.73
N ALA B 36 -5.71 -4.14 -6.76
CA ALA B 36 -6.26 -4.21 -5.40
C ALA B 36 -6.75 -2.85 -4.95
N TRP B 37 -7.60 -2.87 -3.92
CA TRP B 37 -8.06 -1.63 -3.28
C TRP B 37 -7.78 -1.71 -1.80
N TYR B 38 -7.41 -0.57 -1.20
CA TYR B 38 -7.16 -0.46 0.25
C TYR B 38 -7.95 0.67 0.87
N GLN B 39 -8.30 0.50 2.14
CA GLN B 39 -8.82 1.61 2.95
C GLN B 39 -7.75 2.11 3.91
N GLN B 40 -7.69 3.42 4.17
CA GLN B 40 -6.77 3.89 5.23
C GLN B 40 -7.45 4.99 6.01
N LYS B 41 -7.41 4.84 7.32
CA LYS B 41 -7.84 5.89 8.26
C LYS B 41 -6.62 6.59 8.85
N PRO B 42 -6.77 7.87 9.29
CA PRO B 42 -5.62 8.70 9.75
C PRO B 42 -4.80 8.01 10.85
N GLY B 43 -3.47 8.01 10.71
CA GLY B 43 -2.58 7.34 11.68
C GLY B 43 -2.70 5.82 11.80
N GLN B 44 -3.34 5.18 10.82
CA GLN B 44 -3.40 3.75 10.79
C GLN B 44 -2.84 3.23 9.48
N ALA B 45 -2.40 1.98 9.49
CA ALA B 45 -1.90 1.37 8.29
C ALA B 45 -3.07 1.07 7.32
N PRO B 46 -2.77 0.91 6.03
CA PRO B 46 -3.82 0.51 5.08
C PRO B 46 -4.38 -0.89 5.39
N ARG B 47 -5.60 -1.11 4.94
CA ARG B 47 -6.30 -2.39 5.08
C ARG B 47 -6.72 -2.85 3.68
N LEU B 48 -6.41 -4.10 3.35
CA LEU B 48 -6.81 -4.65 2.04
C LEU B 48 -8.30 -4.91 1.95
N LEU B 49 -8.93 -4.37 0.89
CA LEU B 49 -10.38 -4.61 0.70
C LEU B 49 -10.65 -5.61 -0.39
N ILE B 50 -10.01 -5.40 -1.55
CA ILE B 50 -10.30 -6.13 -2.78
C ILE B 50 -8.96 -6.52 -3.40
N TYR B 51 -8.87 -7.73 -3.94
CA TYR B 51 -7.72 -8.12 -4.76
C TYR B 51 -8.21 -8.76 -6.05
N GLY B 52 -7.34 -8.85 -7.05
CA GLY B 52 -7.74 -9.49 -8.32
C GLY B 52 -8.92 -8.77 -8.94
N ALA B 53 -8.98 -7.46 -8.73
CA ALA B 53 -10.06 -6.52 -9.19
C ALA B 53 -11.39 -6.65 -8.52
N SER B 54 -11.79 -7.89 -8.26
CA SER B 54 -13.18 -8.14 -7.79
C SER B 54 -13.32 -9.10 -6.60
N SER B 55 -12.21 -9.64 -6.08
CA SER B 55 -12.31 -10.59 -4.96
C SER B 55 -12.25 -9.88 -3.62
N ARG B 56 -13.22 -10.12 -2.74
CA ARG B 56 -13.14 -9.50 -1.41
C ARG B 56 -12.11 -10.18 -0.55
N ALA B 57 -11.33 -9.41 0.20
CA ALA B 57 -10.39 -9.99 1.18
C ALA B 57 -11.16 -10.54 2.38
N THR B 58 -10.54 -11.44 3.15
CA THR B 58 -11.22 -12.08 4.27
C THR B 58 -11.75 -11.01 5.27
N GLY B 59 -13.00 -11.16 5.71
CA GLY B 59 -13.54 -10.25 6.75
C GLY B 59 -14.11 -8.93 6.21
N ILE B 60 -14.00 -8.73 4.90
CA ILE B 60 -14.52 -7.51 4.30
C ILE B 60 -16.03 -7.63 4.01
N PRO B 61 -16.81 -6.61 4.40
CA PRO B 61 -18.26 -6.81 4.37
C PRO B 61 -18.83 -6.72 2.94
N ASP B 62 -20.03 -7.25 2.80
CA ASP B 62 -20.71 -7.40 1.51
C ASP B 62 -20.93 -6.07 0.78
N ARG B 63 -20.98 -4.95 1.50
CA ARG B 63 -21.24 -3.66 0.85
C ARG B 63 -20.08 -3.16 -0.02
N PHE B 64 -18.88 -3.72 0.14
CA PHE B 64 -17.75 -3.38 -0.74
C PHE B 64 -17.69 -4.33 -1.93
N SER B 65 -17.54 -3.78 -3.13
CA SER B 65 -17.33 -4.64 -4.30
C SER B 65 -16.38 -3.94 -5.25
N GLY B 66 -15.69 -4.72 -6.06
CA GLY B 66 -14.75 -4.14 -7.06
C GLY B 66 -15.09 -4.69 -8.43
N SER B 67 -14.89 -3.89 -9.49
CA SER B 67 -15.17 -4.34 -10.84
CA SER B 67 -15.21 -4.30 -10.86
C SER B 67 -14.21 -3.68 -11.81
N GLY B 68 -14.11 -4.22 -13.00
CA GLY B 68 -13.31 -3.60 -14.06
C GLY B 68 -12.30 -4.53 -14.68
N SER B 69 -11.80 -4.13 -15.85
CA SER B 69 -10.69 -4.80 -16.45
C SER B 69 -10.06 -3.80 -17.41
N GLY B 70 -8.89 -4.12 -17.93
CA GLY B 70 -8.21 -3.28 -18.88
C GLY B 70 -7.59 -2.10 -18.13
N THR B 71 -8.09 -0.89 -18.43
CA THR B 71 -7.60 0.31 -17.77
C THR B 71 -8.55 0.97 -16.80
N ASP B 72 -9.80 0.48 -16.64
CA ASP B 72 -10.74 1.23 -15.80
C ASP B 72 -11.25 0.31 -14.73
N PHE B 73 -11.08 0.73 -13.47
CA PHE B 73 -11.54 -0.10 -12.35
C PHE B 73 -12.37 0.74 -11.41
N THR B 74 -13.31 0.09 -10.71
N THR B 74 -13.33 0.09 -10.74
CA THR B 74 -14.23 0.83 -9.81
CA THR B 74 -14.11 0.79 -9.73
C THR B 74 -14.41 0.08 -8.50
C THR B 74 -14.13 0.02 -8.42
N LEU B 75 -14.33 0.80 -7.38
CA LEU B 75 -14.66 0.25 -6.06
C LEU B 75 -16.01 0.87 -5.72
N THR B 76 -17.01 0.06 -5.32
CA THR B 76 -18.31 0.59 -4.93
C THR B 76 -18.61 0.21 -3.52
N ILE B 77 -19.09 1.18 -2.74
CA ILE B 77 -19.63 0.86 -1.43
C ILE B 77 -21.13 1.08 -1.60
N SER B 78 -21.91 0.01 -1.49
CA SER B 78 -23.32 0.06 -1.89
C SER B 78 -24.17 1.01 -1.03
N ARG B 79 -23.84 1.07 0.26
CA ARG B 79 -24.53 1.95 1.20
C ARG B 79 -23.48 2.32 2.24
N LEU B 80 -23.09 3.59 2.28
CA LEU B 80 -21.98 4.01 3.12
C LEU B 80 -22.37 3.94 4.58
N GLU B 81 -21.48 3.37 5.38
CA GLU B 81 -21.67 3.38 6.86
C GLU B 81 -20.74 4.46 7.40
N PRO B 82 -20.97 4.98 8.62
CA PRO B 82 -20.08 6.04 9.17
C PRO B 82 -18.62 5.63 9.25
N GLU B 83 -18.39 4.35 9.53
CA GLU B 83 -17.03 3.84 9.61
C GLU B 83 -16.30 3.79 8.26
N ASP B 84 -17.01 4.08 7.17
CA ASP B 84 -16.44 3.98 5.82
C ASP B 84 -15.83 5.29 5.36
N PHE B 85 -16.02 6.38 6.11
CA PHE B 85 -15.34 7.64 5.72
C PHE B 85 -13.85 7.47 6.00
N ALA B 86 -13.05 7.54 4.93
CA ALA B 86 -11.65 7.21 4.98
C ALA B 86 -11.05 7.57 3.62
N VAL B 87 -9.76 7.24 3.47
CA VAL B 87 -9.12 7.39 2.13
C VAL B 87 -9.00 6.00 1.50
N TYR B 88 -9.20 5.90 0.19
CA TYR B 88 -9.16 4.60 -0.49
C TYR B 88 -8.11 4.68 -1.61
N TYR B 89 -7.25 3.67 -1.71
CA TYR B 89 -6.22 3.65 -2.74
C TYR B 89 -6.38 2.45 -3.60
N CYS B 90 -6.08 2.59 -4.88
CA CYS B 90 -5.97 1.40 -5.74
C CYS B 90 -4.49 1.08 -5.96
N GLN B 91 -4.21 -0.15 -6.38
CA GLN B 91 -2.83 -0.55 -6.58
C GLN B 91 -2.81 -1.58 -7.70
N GLN B 92 -1.80 -1.50 -8.60
CA GLN B 92 -1.63 -2.64 -9.51
C GLN B 92 -0.37 -3.38 -9.11
N TYR B 93 -0.42 -4.70 -9.20
CA TYR B 93 0.73 -5.53 -8.88
C TYR B 93 0.96 -6.57 -10.01
N GLY B 94 0.43 -6.30 -11.19
CA GLY B 94 0.64 -7.18 -12.38
C GLY B 94 2.02 -6.98 -12.99
N SER B 95 2.59 -5.79 -12.86
CA SER B 95 3.86 -5.44 -13.52
C SER B 95 4.78 -4.65 -12.62
N SER B 96 6.09 -4.87 -12.79
CA SER B 96 7.09 -4.13 -12.01
C SER B 96 7.32 -2.74 -12.57
N PRO B 97 7.38 -1.72 -11.70
CA PRO B 97 7.17 -1.80 -10.26
C PRO B 97 5.69 -1.73 -9.93
N SER B 98 5.31 -2.31 -8.80
CA SER B 98 3.96 -2.11 -8.31
C SER B 98 3.72 -0.61 -8.08
N THR B 99 2.54 -0.12 -8.43
CA THR B 99 2.23 1.30 -8.32
C THR B 99 0.84 1.47 -7.68
N PHE B 100 0.63 2.65 -7.04
CA PHE B 100 -0.63 2.99 -6.36
C PHE B 100 -1.20 4.26 -6.96
N GLY B 101 -2.52 4.37 -6.87
CA GLY B 101 -3.25 5.62 -7.20
C GLY B 101 -2.95 6.61 -6.03
N GLN B 102 -3.38 7.85 -6.19
CA GLN B 102 -3.02 8.93 -5.25
C GLN B 102 -3.97 9.00 -4.07
N GLY B 103 -5.06 8.24 -4.18
CA GLY B 103 -6.06 8.14 -3.08
C GLY B 103 -7.27 9.02 -3.30
N THR B 104 -8.46 8.53 -2.92
CA THR B 104 -9.69 9.32 -2.97
C THR B 104 -10.15 9.41 -1.52
N LYS B 105 -10.36 10.63 -1.03
CA LYS B 105 -10.88 10.81 0.32
C LYS B 105 -12.40 10.79 0.25
N VAL B 106 -13.03 9.90 1.04
CA VAL B 106 -14.50 9.83 1.13
C VAL B 106 -14.82 10.49 2.48
N GLU B 107 -15.55 11.60 2.42
CA GLU B 107 -15.78 12.41 3.64
C GLU B 107 -17.26 12.75 3.78
N ILE B 108 -17.64 13.14 4.99
CA ILE B 108 -19.03 13.45 5.22
C ILE B 108 -19.36 14.83 4.62
N LYS B 109 -20.52 14.89 3.99
CA LYS B 109 -21.03 16.11 3.40
C LYS B 109 -21.12 17.20 4.48
N ARG B 110 -20.69 18.42 4.14
CA ARG B 110 -20.84 19.58 5.06
C ARG B 110 -22.30 19.88 5.37
N LEU B 111 -22.57 20.45 6.54
CA LEU B 111 -23.93 20.84 6.93
C LEU B 111 -24.51 21.92 6.00
N VAL B 112 -25.80 21.81 5.68
CA VAL B 112 -26.46 22.80 4.79
C VAL B 112 -26.53 24.19 5.43
#